data_5D9K
#
_entry.id   5D9K
#
_cell.length_a   34.190
_cell.length_b   53.710
_cell.length_c   207.940
_cell.angle_alpha   90.000
_cell.angle_beta   91.750
_cell.angle_gamma   90.000
#
_symmetry.space_group_name_H-M   'P 1 21 1'
#
loop_
_entity.id
_entity.type
_entity.pdbx_description
1 polymer 'Ribosomal protein S6 kinase alpha-3'
2 non-polymer (7R)-2-[(3,5-difluoro-4-hydroxyphenyl)amino]-5,7-dimethyl-8-(3-methylbutyl)-7,8-dihydropteridin-6(5H)-one
3 non-polymer GLYCEROL
4 water water
#
_entity_poly.entity_id   1
_entity_poly.type   'polypeptide(L)'
_entity_poly.pdbx_seq_one_letter_code
;GPNPQTEEVSIKEIAITHHVKEGHEKADPSQFELLKVLGQGSFGKVFLVKKISGSDARQLYAMKVLKKATLKVRDRVRTK
MERDILVEVNHPFIVKLHYAFQTEGKLYLILDFLRGGDLFTRLSKEVMFTEEDVKFYLAELALALDHLHSLGIIYRDLKP
ENILLDEEGHIKLTDFGLSKESIDHEKKAYSFCGTVEYMAPEVVNRRGHTQSADWWSFGVLMFEMLTGTLPFQGKDRKET
MTMILKAKLGMPQFLSPEAQSLLRMLFKRNPANRLGAGPDGVEEIKRHSFFSTIDWNKLYRREIHPPFKPATGRPEDTFY
FDPEFTAKTP
;
_entity_poly.pdbx_strand_id   A,B
#
loop_
_chem_comp.id
_chem_comp.type
_chem_comp.name
_chem_comp.formula
584 non-polymer (7R)-2-[(3,5-difluoro-4-hydroxyphenyl)amino]-5,7-dimethyl-8-(3-methylbutyl)-7,8-dihydropteridin-6(5H)-one 'C19 H23 F2 N5 O2'
GOL non-polymer GLYCEROL 'C3 H8 O3'
#
# COMPACT_ATOMS: atom_id res chain seq x y z
N LYS A 26 -12.57 -7.70 -0.52
CA LYS A 26 -11.65 -7.17 -1.53
C LYS A 26 -10.32 -7.94 -1.55
N ALA A 27 -9.92 -8.53 -0.40
CA ALA A 27 -8.69 -9.32 -0.23
C ALA A 27 -8.79 -10.66 -0.96
N ASP A 28 -7.71 -11.02 -1.66
CA ASP A 28 -7.62 -12.24 -2.47
C ASP A 28 -6.15 -12.76 -2.56
N PRO A 29 -5.90 -13.98 -3.09
CA PRO A 29 -4.52 -14.52 -3.05
C PRO A 29 -3.47 -13.77 -3.87
N SER A 30 -3.85 -13.13 -4.97
CA SER A 30 -2.91 -12.40 -5.84
C SER A 30 -2.28 -11.15 -5.19
N GLN A 31 -2.78 -10.76 -3.99
CA GLN A 31 -2.30 -9.62 -3.21
C GLN A 31 -1.18 -10.02 -2.25
N PHE A 32 -0.65 -11.25 -2.39
CA PHE A 32 0.36 -11.80 -1.47
C PHE A 32 1.48 -12.55 -2.19
N GLU A 33 2.73 -12.05 -2.06
CA GLU A 33 3.96 -12.62 -2.65
C GLU A 33 4.48 -13.79 -1.79
N LEU A 34 4.53 -15.01 -2.37
CA LEU A 34 4.99 -16.23 -1.70
C LEU A 34 6.52 -16.26 -1.65
N LEU A 35 7.10 -16.23 -0.42
CA LEU A 35 8.56 -16.22 -0.26
C LEU A 35 9.14 -17.61 -0.13
N LYS A 36 8.69 -18.38 0.87
CA LYS A 36 9.06 -19.75 1.15
C LYS A 36 7.89 -20.44 1.82
N VAL A 37 7.88 -21.78 1.81
CA VAL A 37 6.88 -22.64 2.45
C VAL A 37 7.45 -22.93 3.83
N LEU A 38 6.71 -22.57 4.90
CA LEU A 38 7.10 -22.78 6.31
C LEU A 38 6.90 -24.21 6.80
N GLY A 39 5.80 -24.83 6.37
CA GLY A 39 5.42 -26.19 6.76
C GLY A 39 4.20 -26.74 6.08
N GLN A 40 3.86 -28.01 6.35
CA GLN A 40 2.75 -28.73 5.74
C GLN A 40 2.39 -29.88 6.66
N GLY A 41 1.10 -30.19 6.71
CA GLY A 41 0.52 -31.27 7.50
C GLY A 41 -0.98 -31.38 7.34
N SER A 42 -1.63 -32.09 8.29
CA SER A 42 -3.09 -32.36 8.37
C SER A 42 -3.98 -31.13 8.15
N PHE A 43 -3.51 -29.95 8.57
CA PHE A 43 -4.18 -28.67 8.39
C PHE A 43 -4.21 -28.37 6.86
N GLY A 44 -3.05 -28.07 6.32
CA GLY A 44 -2.84 -27.74 4.92
C GLY A 44 -1.39 -27.38 4.75
N LYS A 45 -1.14 -26.30 4.03
CA LYS A 45 0.21 -25.80 3.74
C LYS A 45 0.31 -24.37 4.26
N VAL A 46 1.42 -24.06 4.94
CA VAL A 46 1.69 -22.73 5.49
C VAL A 46 2.89 -22.12 4.76
N PHE A 47 2.70 -20.92 4.24
CA PHE A 47 3.72 -20.16 3.50
C PHE A 47 4.08 -18.92 4.26
N LEU A 48 5.30 -18.43 4.02
CA LEU A 48 5.73 -17.13 4.52
C LEU A 48 5.44 -16.20 3.33
N VAL A 49 4.51 -15.26 3.52
CA VAL A 49 4.10 -14.35 2.47
C VAL A 49 4.41 -12.88 2.81
N LYS A 50 4.41 -12.04 1.79
CA LYS A 50 4.67 -10.62 1.88
C LYS A 50 3.51 -9.94 1.20
N LYS A 51 2.83 -9.00 1.91
CA LYS A 51 1.72 -8.25 1.33
C LYS A 51 2.30 -7.31 0.24
N ILE A 52 1.73 -7.37 -0.98
CA ILE A 52 2.17 -6.56 -2.12
C ILE A 52 1.40 -5.21 -2.18
N SER A 53 0.10 -5.22 -1.86
CA SER A 53 -0.82 -4.07 -1.93
C SER A 53 -1.18 -3.38 -0.58
N GLY A 54 -1.73 -2.17 -0.68
CA GLY A 54 -2.30 -1.37 0.41
C GLY A 54 -1.44 -0.81 1.52
N SER A 55 -2.11 -0.41 2.60
CA SER A 55 -1.54 0.19 3.81
C SER A 55 -0.49 -0.70 4.51
N ASP A 56 -0.74 -2.01 4.55
CA ASP A 56 0.16 -2.99 5.18
C ASP A 56 1.11 -3.67 4.17
N ALA A 57 1.39 -2.99 3.03
CA ALA A 57 2.29 -3.46 1.97
C ALA A 57 3.71 -3.57 2.55
N ARG A 58 4.43 -4.64 2.13
CA ARG A 58 5.79 -5.05 2.52
C ARG A 58 5.79 -5.81 3.85
N GLN A 59 4.60 -5.99 4.48
CA GLN A 59 4.46 -6.70 5.74
C GLN A 59 4.41 -8.20 5.52
N LEU A 60 5.22 -8.93 6.31
CA LEU A 60 5.31 -10.38 6.31
C LEU A 60 4.23 -11.00 7.18
N TYR A 61 3.70 -12.14 6.72
CA TYR A 61 2.64 -12.94 7.37
C TYR A 61 2.81 -14.44 7.06
N ALA A 62 2.10 -15.26 7.82
CA ALA A 62 2.01 -16.70 7.56
C ALA A 62 0.65 -16.88 6.84
N MET A 63 0.65 -17.59 5.70
CA MET A 63 -0.57 -17.85 4.94
C MET A 63 -0.86 -19.34 5.09
N LYS A 64 -1.99 -19.67 5.73
CA LYS A 64 -2.43 -21.05 5.93
C LYS A 64 -3.45 -21.36 4.84
N VAL A 65 -3.09 -22.26 3.93
CA VAL A 65 -3.94 -22.65 2.82
C VAL A 65 -4.50 -24.05 3.07
N LEU A 66 -5.79 -24.24 2.83
CA LEU A 66 -6.49 -25.51 2.99
C LEU A 66 -7.24 -25.84 1.71
N LYS A 67 -7.02 -27.06 1.17
CA LYS A 67 -7.72 -27.51 -0.04
C LYS A 67 -9.05 -28.17 0.38
N LYS A 68 -10.15 -27.70 -0.24
CA LYS A 68 -11.54 -28.13 0.00
C LYS A 68 -11.79 -29.61 -0.30
N ALA A 69 -11.06 -30.17 -1.29
CA ALA A 69 -11.14 -31.58 -1.71
C ALA A 69 -10.76 -32.55 -0.59
N THR A 70 -9.76 -32.17 0.25
CA THR A 70 -9.26 -32.92 1.42
C THR A 70 -10.16 -32.74 2.67
N LEU A 71 -11.05 -31.71 2.66
CA LEU A 71 -11.99 -31.47 3.75
C LEU A 71 -13.34 -32.16 3.47
N LYS A 72 -13.82 -32.95 4.46
CA LYS A 72 -15.10 -33.67 4.38
C LYS A 72 -16.20 -32.83 5.05
N VAL A 73 -17.49 -33.22 4.87
CA VAL A 73 -18.70 -32.55 5.40
C VAL A 73 -18.57 -32.18 6.88
N ARG A 74 -17.89 -33.03 7.66
CA ARG A 74 -17.64 -32.81 9.10
C ARG A 74 -16.47 -31.84 9.31
N ASP A 75 -15.39 -31.97 8.50
CA ASP A 75 -14.19 -31.13 8.54
C ASP A 75 -14.47 -29.67 8.12
N ARG A 76 -15.50 -29.47 7.26
CA ARG A 76 -15.94 -28.17 6.76
C ARG A 76 -16.48 -27.28 7.88
N VAL A 77 -17.37 -27.83 8.76
CA VAL A 77 -18.00 -27.17 9.91
C VAL A 77 -16.95 -26.69 10.94
N ARG A 78 -15.87 -27.50 11.13
CA ARG A 78 -14.75 -27.25 12.02
C ARG A 78 -13.98 -25.99 11.57
N THR A 79 -13.45 -25.98 10.33
CA THR A 79 -12.69 -24.86 9.73
C THR A 79 -13.49 -23.54 9.80
N LYS A 80 -14.82 -23.61 9.55
CA LYS A 80 -15.77 -22.51 9.63
C LYS A 80 -15.71 -21.91 11.04
N MET A 81 -15.90 -22.76 12.09
CA MET A 81 -15.82 -22.40 13.50
C MET A 81 -14.44 -21.81 13.87
N GLU A 82 -13.32 -22.38 13.34
CA GLU A 82 -11.93 -21.93 13.54
C GLU A 82 -11.69 -20.51 13.05
N ARG A 83 -12.33 -20.12 11.91
CA ARG A 83 -12.26 -18.76 11.37
C ARG A 83 -13.17 -17.88 12.26
N ASP A 84 -14.40 -18.39 12.59
CA ASP A 84 -15.39 -17.73 13.46
C ASP A 84 -14.83 -17.45 14.87
N ILE A 85 -13.82 -18.22 15.31
CA ILE A 85 -13.15 -18.05 16.61
C ILE A 85 -12.06 -16.96 16.51
N LEU A 86 -11.13 -17.07 15.54
CA LEU A 86 -10.04 -16.10 15.38
C LEU A 86 -10.49 -14.64 15.17
N VAL A 87 -11.71 -14.45 14.61
CA VAL A 87 -12.36 -13.15 14.35
C VAL A 87 -12.77 -12.51 15.70
N GLU A 88 -13.30 -13.34 16.64
CA GLU A 88 -13.72 -12.97 18.01
C GLU A 88 -12.52 -12.74 18.95
N VAL A 89 -11.46 -13.52 18.78
CA VAL A 89 -10.23 -13.45 19.58
C VAL A 89 -9.44 -12.16 19.27
N ASN A 90 -9.08 -11.42 20.32
CA ASN A 90 -8.25 -10.21 20.25
C ASN A 90 -7.48 -10.07 21.56
N HIS A 91 -6.29 -10.66 21.60
CA HIS A 91 -5.44 -10.67 22.80
C HIS A 91 -3.95 -10.65 22.41
N PRO A 92 -3.06 -9.94 23.16
CA PRO A 92 -1.64 -9.89 22.77
C PRO A 92 -0.89 -11.23 22.81
N PHE A 93 -1.45 -12.28 23.48
CA PHE A 93 -0.77 -13.59 23.57
C PHE A 93 -1.44 -14.67 22.72
N ILE A 94 -2.33 -14.25 21.82
CA ILE A 94 -2.98 -15.16 20.86
C ILE A 94 -2.79 -14.57 19.47
N VAL A 95 -2.49 -15.45 18.50
CA VAL A 95 -2.27 -15.17 17.10
C VAL A 95 -3.47 -14.38 16.56
N LYS A 96 -3.15 -13.35 15.75
CA LYS A 96 -4.11 -12.45 15.14
C LYS A 96 -4.40 -12.92 13.71
N LEU A 97 -5.69 -12.91 13.33
CA LEU A 97 -6.17 -13.18 11.98
C LEU A 97 -6.23 -11.81 11.35
N HIS A 98 -5.47 -11.62 10.27
CA HIS A 98 -5.46 -10.34 9.56
C HIS A 98 -6.53 -10.38 8.45
N TYR A 99 -6.47 -11.43 7.58
CA TYR A 99 -7.39 -11.69 6.48
C TYR A 99 -7.75 -13.17 6.43
N ALA A 100 -8.89 -13.46 5.78
CA ALA A 100 -9.42 -14.79 5.52
C ALA A 100 -10.23 -14.66 4.26
N PHE A 101 -10.01 -15.57 3.33
CA PHE A 101 -10.70 -15.55 2.06
C PHE A 101 -10.73 -16.93 1.44
N GLN A 102 -11.58 -17.12 0.42
CA GLN A 102 -11.71 -18.39 -0.26
C GLN A 102 -11.74 -18.27 -1.78
N THR A 103 -11.48 -19.41 -2.44
CA THR A 103 -11.53 -19.60 -3.90
C THR A 103 -12.46 -20.80 -4.18
N GLU A 104 -12.41 -21.37 -5.41
CA GLU A 104 -13.23 -22.51 -5.79
C GLU A 104 -12.81 -23.80 -5.04
N GLY A 105 -11.51 -23.94 -4.78
CA GLY A 105 -10.97 -25.12 -4.10
C GLY A 105 -10.08 -24.91 -2.89
N LYS A 106 -9.81 -23.65 -2.51
CA LYS A 106 -8.93 -23.32 -1.38
C LYS A 106 -9.51 -22.33 -0.35
N LEU A 107 -9.11 -22.48 0.93
CA LEU A 107 -9.47 -21.60 2.05
C LEU A 107 -8.20 -21.00 2.62
N TYR A 108 -8.15 -19.66 2.73
CA TYR A 108 -6.94 -18.98 3.19
C TYR A 108 -7.12 -18.25 4.49
N LEU A 109 -6.09 -18.32 5.35
CA LEU A 109 -6.01 -17.59 6.60
C LEU A 109 -4.67 -16.87 6.62
N ILE A 110 -4.71 -15.53 6.79
CA ILE A 110 -3.48 -14.73 6.86
C ILE A 110 -3.33 -14.41 8.32
N LEU A 111 -2.24 -14.92 8.91
CA LEU A 111 -1.94 -14.81 10.32
C LEU A 111 -0.57 -14.18 10.58
N ASP A 112 -0.25 -13.91 11.84
CA ASP A 112 1.04 -13.39 12.26
C ASP A 112 2.19 -14.35 11.87
N PHE A 113 3.35 -13.77 11.48
CA PHE A 113 4.59 -14.50 11.23
C PHE A 113 5.45 -14.30 12.49
N LEU A 114 5.82 -15.40 13.15
CA LEU A 114 6.56 -15.41 14.42
C LEU A 114 8.00 -15.87 14.20
N ARG A 115 8.95 -14.95 14.31
CA ARG A 115 10.38 -15.22 14.08
C ARG A 115 11.04 -15.96 15.24
N GLY A 116 10.72 -15.54 16.46
CA GLY A 116 11.26 -16.04 17.72
C GLY A 116 11.44 -17.53 17.93
N GLY A 117 10.61 -18.34 17.29
CA GLY A 117 10.65 -19.80 17.40
C GLY A 117 9.46 -20.36 18.14
N ASP A 118 9.66 -21.45 18.90
CA ASP A 118 8.62 -22.11 19.70
C ASP A 118 9.16 -22.63 21.04
N LEU A 119 8.25 -22.93 22.02
CA LEU A 119 8.70 -23.45 23.31
C LEU A 119 9.25 -24.87 23.17
N PHE A 120 8.68 -25.70 22.26
CA PHE A 120 9.13 -27.07 21.98
C PHE A 120 10.62 -27.13 21.68
N THR A 121 11.05 -26.27 20.74
CA THR A 121 12.43 -26.15 20.26
C THR A 121 13.32 -25.55 21.36
N ARG A 122 12.77 -24.60 22.17
CA ARG A 122 13.52 -23.98 23.25
C ARG A 122 13.77 -24.97 24.39
N LEU A 123 12.72 -25.67 24.85
CA LEU A 123 12.76 -26.66 25.92
C LEU A 123 13.63 -27.86 25.55
N SER A 124 13.52 -28.39 24.31
CA SER A 124 14.33 -29.53 23.87
C SER A 124 15.85 -29.20 23.83
N LYS A 125 16.18 -27.90 23.79
CA LYS A 125 17.53 -27.33 23.75
C LYS A 125 18.10 -27.07 25.18
N GLU A 126 17.27 -26.52 26.09
CA GLU A 126 17.66 -26.17 27.47
C GLU A 126 17.48 -27.36 28.41
N VAL A 127 16.75 -28.41 27.98
CA VAL A 127 16.41 -29.63 28.73
C VAL A 127 15.30 -29.32 29.77
N MET A 128 15.54 -28.31 30.61
CA MET A 128 14.59 -27.84 31.60
C MET A 128 14.81 -26.34 31.84
N PHE A 129 13.72 -25.64 32.07
CA PHE A 129 13.77 -24.23 32.33
C PHE A 129 13.87 -24.00 33.82
N THR A 130 14.34 -22.81 34.20
CA THR A 130 14.46 -22.39 35.60
C THR A 130 13.09 -21.89 36.02
N GLU A 131 12.80 -21.87 37.33
CA GLU A 131 11.50 -21.41 37.83
C GLU A 131 11.14 -20.02 37.31
N GLU A 132 12.11 -19.10 37.26
CA GLU A 132 11.91 -17.75 36.77
C GLU A 132 11.45 -17.72 35.31
N ASP A 133 12.06 -18.55 34.43
CA ASP A 133 11.69 -18.65 33.01
C ASP A 133 10.27 -19.16 32.84
N VAL A 134 9.95 -20.29 33.48
CA VAL A 134 8.65 -20.95 33.50
C VAL A 134 7.52 -20.03 33.98
N LYS A 135 7.74 -19.30 35.09
CA LYS A 135 6.83 -18.32 35.71
C LYS A 135 6.38 -17.28 34.66
N PHE A 136 7.31 -16.78 33.83
CA PHE A 136 7.04 -15.83 32.77
C PHE A 136 6.09 -16.38 31.69
N TYR A 137 6.44 -17.54 31.09
CA TYR A 137 5.69 -18.21 30.03
C TYR A 137 4.30 -18.63 30.45
N LEU A 138 4.17 -19.15 31.68
CA LEU A 138 2.92 -19.59 32.26
C LEU A 138 2.02 -18.43 32.60
N ALA A 139 2.59 -17.31 33.09
CA ALA A 139 1.82 -16.12 33.41
C ALA A 139 1.21 -15.56 32.12
N GLU A 140 1.99 -15.49 31.06
CA GLU A 140 1.52 -15.03 29.75
C GLU A 140 0.41 -15.93 29.18
N LEU A 141 0.59 -17.26 29.32
CA LEU A 141 -0.35 -18.27 28.89
C LEU A 141 -1.65 -18.22 29.68
N ALA A 142 -1.57 -18.01 31.02
CA ALA A 142 -2.73 -17.90 31.90
C ALA A 142 -3.68 -16.81 31.42
N LEU A 143 -3.13 -15.63 31.02
CA LEU A 143 -3.91 -14.51 30.45
C LEU A 143 -4.57 -14.86 29.11
N ALA A 144 -3.87 -15.61 28.25
CA ALA A 144 -4.38 -16.02 26.94
C ALA A 144 -5.49 -17.04 27.08
N LEU A 145 -5.35 -18.01 28.02
CA LEU A 145 -6.36 -19.04 28.30
C LEU A 145 -7.61 -18.41 28.88
N ASP A 146 -7.46 -17.45 29.82
CA ASP A 146 -8.62 -16.80 30.43
C ASP A 146 -9.39 -16.00 29.43
N HIS A 147 -8.68 -15.34 28.51
CA HIS A 147 -9.35 -14.62 27.43
C HIS A 147 -10.23 -15.56 26.64
N LEU A 148 -9.69 -16.73 26.22
CA LEU A 148 -10.40 -17.78 25.48
C LEU A 148 -11.65 -18.27 26.22
N HIS A 149 -11.52 -18.54 27.54
CA HIS A 149 -12.61 -18.97 28.42
C HIS A 149 -13.70 -17.92 28.57
N SER A 150 -13.33 -16.61 28.58
CA SER A 150 -14.32 -15.53 28.64
C SER A 150 -15.19 -15.51 27.38
N LEU A 151 -14.70 -16.11 26.27
CA LEU A 151 -15.41 -16.18 24.98
C LEU A 151 -16.08 -17.55 24.75
N GLY A 152 -15.94 -18.47 25.71
CA GLY A 152 -16.51 -19.81 25.62
C GLY A 152 -15.68 -20.73 24.74
N ILE A 153 -14.38 -20.43 24.59
CA ILE A 153 -13.42 -21.19 23.78
C ILE A 153 -12.52 -21.99 24.70
N ILE A 154 -12.18 -23.22 24.29
CA ILE A 154 -11.23 -24.13 25.00
C ILE A 154 -10.03 -24.41 24.09
N TYR A 155 -8.92 -24.92 24.67
CA TYR A 155 -7.74 -25.22 23.90
C TYR A 155 -7.49 -26.71 23.94
N ARG A 156 -7.94 -27.39 22.86
CA ARG A 156 -7.93 -28.84 22.65
C ARG A 156 -6.56 -29.50 22.74
N ASP A 157 -5.50 -28.89 22.17
CA ASP A 157 -4.19 -29.54 22.27
C ASP A 157 -3.10 -28.57 22.75
N LEU A 158 -3.08 -28.33 24.07
CA LEU A 158 -2.14 -27.41 24.71
C LEU A 158 -0.82 -28.13 24.99
N LYS A 159 0.11 -28.04 24.05
CA LYS A 159 1.44 -28.64 24.09
C LYS A 159 2.45 -27.55 23.68
N PRO A 160 3.79 -27.70 23.90
CA PRO A 160 4.72 -26.62 23.53
C PRO A 160 4.90 -26.30 22.01
N GLU A 161 4.45 -27.21 21.11
CA GLU A 161 4.53 -27.03 19.64
C GLU A 161 3.65 -25.84 19.22
N ASN A 162 2.50 -25.67 19.94
CA ASN A 162 1.47 -24.66 19.73
C ASN A 162 1.72 -23.31 20.41
N ILE A 163 2.83 -23.18 21.15
CA ILE A 163 3.17 -21.91 21.79
C ILE A 163 4.40 -21.36 21.10
N LEU A 164 4.17 -20.41 20.18
CA LEU A 164 5.24 -19.76 19.42
C LEU A 164 5.76 -18.55 20.16
N LEU A 165 6.96 -18.06 19.79
CA LEU A 165 7.58 -16.88 20.38
C LEU A 165 7.72 -15.81 19.31
N ASP A 166 7.52 -14.54 19.67
CA ASP A 166 7.66 -13.43 18.74
C ASP A 166 9.10 -12.90 18.77
N GLU A 167 9.39 -11.86 17.96
CA GLU A 167 10.70 -11.20 17.84
C GLU A 167 11.27 -10.73 19.20
N GLU A 168 10.38 -10.30 20.13
CA GLU A 168 10.80 -9.78 21.44
C GLU A 168 10.95 -10.86 22.52
N GLY A 169 10.39 -12.04 22.29
CA GLY A 169 10.48 -13.17 23.21
C GLY A 169 9.22 -13.56 23.95
N HIS A 170 8.07 -12.90 23.63
CA HIS A 170 6.75 -13.09 24.22
C HIS A 170 6.00 -14.20 23.50
N ILE A 171 5.13 -14.89 24.20
CA ILE A 171 4.40 -16.03 23.65
C ILE A 171 3.29 -15.61 22.68
N LYS A 172 2.89 -16.52 21.80
CA LYS A 172 1.75 -16.35 20.90
C LYS A 172 1.15 -17.73 20.77
N LEU A 173 -0.03 -17.92 21.34
CA LEU A 173 -0.76 -19.20 21.28
C LEU A 173 -1.33 -19.36 19.85
N THR A 174 -1.05 -20.50 19.19
CA THR A 174 -1.53 -20.79 17.83
C THR A 174 -3.05 -21.05 17.80
N ASP A 175 -3.62 -21.23 16.64
CA ASP A 175 -5.07 -21.43 16.53
C ASP A 175 -5.48 -22.88 16.37
N PHE A 176 -4.50 -23.78 16.23
CA PHE A 176 -4.71 -25.19 15.96
C PHE A 176 -5.65 -25.86 16.99
N GLY A 177 -5.49 -25.52 18.27
CA GLY A 177 -6.34 -26.08 19.32
C GLY A 177 -7.61 -25.32 19.70
N LEU A 178 -7.99 -24.28 18.95
CA LEU A 178 -9.17 -23.49 19.28
C LEU A 178 -10.48 -24.20 18.93
N SER A 179 -11.37 -24.38 19.95
CA SER A 179 -12.69 -25.01 19.81
C SER A 179 -13.71 -24.43 20.81
N LYS A 180 -15.02 -24.66 20.59
CA LYS A 180 -16.09 -24.21 21.50
C LYS A 180 -16.55 -25.40 22.38
N CYS A 193 -8.33 -37.87 18.90
CA CYS A 193 -7.30 -36.98 18.34
C CYS A 193 -6.66 -36.06 19.38
N GLY A 194 -5.33 -36.00 19.36
CA GLY A 194 -4.55 -35.15 20.24
C GLY A 194 -3.40 -35.86 20.92
N THR A 195 -2.58 -35.09 21.67
CA THR A 195 -1.44 -35.68 22.40
C THR A 195 -1.96 -36.04 23.79
N VAL A 196 -2.04 -37.35 24.05
CA VAL A 196 -2.62 -37.94 25.26
C VAL A 196 -1.91 -37.52 26.55
N GLU A 197 -0.60 -37.24 26.49
CA GLU A 197 0.21 -36.82 27.63
C GLU A 197 -0.24 -35.54 28.28
N TYR A 198 -0.97 -34.68 27.56
CA TYR A 198 -1.49 -33.38 28.01
C TYR A 198 -2.96 -33.41 28.37
N MET A 199 -3.67 -34.51 28.01
CA MET A 199 -5.10 -34.74 28.22
C MET A 199 -5.47 -34.95 29.67
N ALA A 200 -6.54 -34.27 30.11
CA ALA A 200 -7.11 -34.34 31.46
C ALA A 200 -7.85 -35.68 31.66
N PRO A 201 -8.16 -36.15 32.92
CA PRO A 201 -8.89 -37.44 33.07
C PRO A 201 -10.26 -37.49 32.36
N GLU A 202 -11.06 -36.44 32.51
CA GLU A 202 -12.37 -36.32 31.85
C GLU A 202 -12.25 -36.34 30.31
N VAL A 203 -11.07 -36.02 29.73
CA VAL A 203 -10.87 -36.02 28.27
C VAL A 203 -10.40 -37.41 27.79
N VAL A 204 -9.51 -38.07 28.55
CA VAL A 204 -9.07 -39.45 28.29
C VAL A 204 -10.31 -40.38 28.28
N ASN A 205 -11.24 -40.18 29.24
CA ASN A 205 -12.47 -40.93 29.46
C ASN A 205 -13.66 -40.44 28.63
N ARG A 206 -13.40 -39.61 27.59
CA ARG A 206 -14.38 -39.06 26.64
C ARG A 206 -15.64 -38.37 27.30
N ARG A 207 -15.50 -37.84 28.53
CA ARG A 207 -16.59 -37.24 29.30
C ARG A 207 -16.81 -35.76 29.05
N GLY A 208 -15.96 -35.11 28.26
CA GLY A 208 -16.16 -33.69 27.95
C GLY A 208 -15.00 -32.76 28.25
N HIS A 209 -14.72 -31.85 27.31
CA HIS A 209 -13.61 -30.91 27.41
C HIS A 209 -14.12 -29.51 27.82
N THR A 210 -14.03 -29.19 29.12
CA THR A 210 -14.41 -27.85 29.60
C THR A 210 -13.14 -27.04 29.84
N GLN A 211 -13.28 -25.79 30.33
CA GLN A 211 -12.15 -24.91 30.62
C GLN A 211 -11.24 -25.44 31.71
N SER A 212 -11.76 -26.32 32.58
CA SER A 212 -11.01 -26.98 33.63
C SER A 212 -9.97 -27.93 33.05
N ALA A 213 -10.30 -28.61 31.90
CA ALA A 213 -9.38 -29.50 31.19
C ALA A 213 -8.14 -28.74 30.68
N ASP A 214 -8.31 -27.43 30.37
CA ASP A 214 -7.24 -26.51 29.94
C ASP A 214 -6.30 -26.22 31.10
N TRP A 215 -6.83 -26.11 32.35
CA TRP A 215 -5.95 -25.87 33.51
C TRP A 215 -5.12 -27.13 33.90
N TRP A 216 -5.58 -28.35 33.53
CA TRP A 216 -4.81 -29.58 33.73
C TRP A 216 -3.60 -29.54 32.80
N SER A 217 -3.83 -29.31 31.50
CA SER A 217 -2.83 -29.25 30.44
C SER A 217 -1.75 -28.19 30.73
N PHE A 218 -2.18 -27.09 31.41
CA PHE A 218 -1.35 -25.98 31.88
C PHE A 218 -0.39 -26.50 32.97
N GLY A 219 -0.88 -27.39 33.84
CA GLY A 219 -0.10 -28.05 34.88
C GLY A 219 0.87 -29.00 34.22
N VAL A 220 0.40 -29.80 33.20
CA VAL A 220 1.24 -30.73 32.44
C VAL A 220 2.40 -29.93 31.82
N LEU A 221 2.07 -28.80 31.18
CA LEU A 221 3.02 -27.89 30.54
C LEU A 221 4.05 -27.32 31.55
N MET A 222 3.56 -26.84 32.71
CA MET A 222 4.35 -26.38 33.86
C MET A 222 5.36 -27.44 34.28
N PHE A 223 4.88 -28.64 34.60
CA PHE A 223 5.65 -29.81 35.05
C PHE A 223 6.75 -30.16 34.04
N GLU A 224 6.38 -30.22 32.74
CA GLU A 224 7.32 -30.54 31.66
C GLU A 224 8.43 -29.50 31.52
N MET A 225 8.09 -28.24 31.70
CA MET A 225 9.04 -27.14 31.59
C MET A 225 10.10 -27.17 32.69
N LEU A 226 9.69 -27.50 33.91
CA LEU A 226 10.50 -27.54 35.15
C LEU A 226 11.30 -28.81 35.38
N THR A 227 10.80 -29.97 34.96
CA THR A 227 11.49 -31.27 35.18
C THR A 227 12.19 -31.77 33.90
N GLY A 228 11.63 -31.36 32.74
CA GLY A 228 12.02 -31.79 31.39
C GLY A 228 11.39 -33.14 31.08
N THR A 229 10.38 -33.53 31.88
CA THR A 229 9.68 -34.82 31.82
C THR A 229 8.15 -34.64 31.94
N LEU A 230 7.39 -35.52 31.30
CA LEU A 230 5.94 -35.49 31.41
C LEU A 230 5.48 -36.13 32.74
N PRO A 231 4.47 -35.56 33.46
CA PRO A 231 4.08 -36.15 34.76
C PRO A 231 3.56 -37.59 34.70
N PHE A 232 2.79 -37.91 33.65
CA PHE A 232 2.17 -39.22 33.41
C PHE A 232 2.71 -39.76 32.10
N GLN A 233 3.50 -40.83 32.20
CA GLN A 233 4.11 -41.45 31.04
C GLN A 233 4.28 -42.93 31.29
N GLY A 234 3.70 -43.73 30.42
CA GLY A 234 3.79 -45.18 30.50
C GLY A 234 4.67 -45.80 29.44
N LYS A 235 4.76 -47.13 29.45
CA LYS A 235 5.53 -47.91 28.47
C LYS A 235 4.96 -47.70 27.03
N ASP A 236 3.64 -47.36 26.94
CA ASP A 236 2.89 -47.06 25.70
C ASP A 236 1.71 -46.09 26.01
N ARG A 237 1.01 -45.61 24.96
CA ARG A 237 -0.15 -44.70 25.04
C ARG A 237 -1.25 -45.16 26.00
N LYS A 238 -1.50 -46.48 26.07
CA LYS A 238 -2.54 -47.05 26.90
C LYS A 238 -2.20 -46.95 28.37
N GLU A 239 -0.96 -47.29 28.76
CA GLU A 239 -0.52 -47.15 30.14
C GLU A 239 -0.53 -45.67 30.59
N THR A 240 -0.11 -44.74 29.72
CA THR A 240 -0.08 -43.30 30.00
C THR A 240 -1.48 -42.81 30.34
N MET A 241 -2.47 -43.26 29.56
CA MET A 241 -3.87 -42.88 29.73
C MET A 241 -4.45 -43.41 31.02
N THR A 242 -4.10 -44.64 31.39
CA THR A 242 -4.51 -45.35 32.63
C THR A 242 -3.95 -44.56 33.86
N MET A 243 -2.70 -44.09 33.76
CA MET A 243 -2.01 -43.33 34.78
C MET A 243 -2.59 -41.91 34.98
N ILE A 244 -3.11 -41.26 33.91
CA ILE A 244 -3.76 -39.93 33.94
C ILE A 244 -5.04 -40.04 34.74
N LEU A 245 -5.66 -41.22 34.67
CA LEU A 245 -6.88 -41.57 35.35
C LEU A 245 -6.66 -42.02 36.78
N LYS A 246 -5.65 -42.88 37.01
CA LYS A 246 -5.43 -43.65 38.25
C LYS A 246 -4.16 -43.38 39.04
N ALA A 247 -3.03 -43.11 38.38
CA ALA A 247 -1.76 -42.92 39.08
C ALA A 247 -1.69 -41.67 39.96
N LYS A 248 -1.13 -41.87 41.16
CA LYS A 248 -0.84 -40.78 42.07
C LYS A 248 0.46 -40.11 41.51
N LEU A 249 0.52 -38.78 41.45
CA LEU A 249 1.72 -38.16 40.95
C LEU A 249 2.83 -38.09 42.02
N GLY A 250 4.00 -38.61 41.65
CA GLY A 250 5.23 -38.55 42.44
C GLY A 250 5.89 -37.25 42.09
N MET A 251 5.85 -36.32 43.03
CA MET A 251 6.37 -34.97 42.86
C MET A 251 7.89 -34.90 43.06
N PRO A 252 8.68 -34.57 42.00
CA PRO A 252 10.14 -34.43 42.19
C PRO A 252 10.42 -33.30 43.18
N GLN A 253 11.33 -33.55 44.13
CA GLN A 253 11.57 -32.66 45.25
C GLN A 253 12.55 -31.51 45.01
N PHE A 254 12.94 -31.27 43.74
CA PHE A 254 13.76 -30.13 43.40
C PHE A 254 12.82 -28.98 43.03
N LEU A 255 11.52 -29.27 42.97
CA LEU A 255 10.49 -28.30 42.67
C LEU A 255 10.27 -27.51 43.95
N SER A 256 10.27 -26.17 43.85
CA SER A 256 10.04 -25.29 45.00
C SER A 256 8.69 -25.61 45.71
N PRO A 257 8.53 -25.28 47.02
CA PRO A 257 7.23 -25.54 47.68
C PRO A 257 6.02 -24.93 46.97
N GLU A 258 6.20 -23.75 46.39
CA GLU A 258 5.21 -23.00 45.62
C GLU A 258 4.80 -23.71 44.30
N ALA A 259 5.80 -24.22 43.52
CA ALA A 259 5.57 -24.96 42.26
C ALA A 259 4.83 -26.27 42.53
N GLN A 260 5.19 -26.97 43.61
CA GLN A 260 4.53 -28.20 44.06
C GLN A 260 3.05 -27.96 44.43
N SER A 261 2.74 -26.85 45.12
CA SER A 261 1.39 -26.48 45.52
C SER A 261 0.49 -26.22 44.33
N LEU A 262 0.97 -25.46 43.36
CA LEU A 262 0.19 -25.16 42.16
C LEU A 262 -0.10 -26.48 41.36
N LEU A 263 0.92 -27.33 41.14
CA LEU A 263 0.74 -28.62 40.43
C LEU A 263 -0.26 -29.53 41.13
N ARG A 264 -0.14 -29.70 42.46
CA ARG A 264 -1.09 -30.54 43.23
C ARG A 264 -2.54 -30.04 43.08
N MET A 265 -2.70 -28.74 42.95
CA MET A 265 -4.00 -28.09 42.80
C MET A 265 -4.52 -28.14 41.39
N LEU A 266 -3.63 -28.16 40.40
CA LEU A 266 -4.06 -28.28 39.01
C LEU A 266 -4.34 -29.75 38.65
N PHE A 267 -3.74 -30.72 39.39
CA PHE A 267 -3.90 -32.14 39.08
C PHE A 267 -4.98 -32.86 39.88
N LYS A 268 -6.14 -32.22 40.07
CA LYS A 268 -7.29 -32.88 40.72
C LYS A 268 -8.08 -33.64 39.63
N ARG A 269 -8.39 -34.95 39.86
CA ARG A 269 -9.18 -35.77 38.93
C ARG A 269 -10.58 -35.18 38.68
N ASN A 270 -11.27 -34.64 39.71
CA ASN A 270 -12.58 -34.01 39.55
C ASN A 270 -12.32 -32.58 38.97
N PRO A 271 -12.90 -32.22 37.80
CA PRO A 271 -12.65 -30.89 37.22
C PRO A 271 -13.19 -29.73 38.04
N ALA A 272 -14.20 -29.96 38.86
CA ALA A 272 -14.82 -28.94 39.69
C ALA A 272 -13.99 -28.63 40.94
N ASN A 273 -12.97 -29.46 41.22
CA ASN A 273 -12.05 -29.35 42.36
C ASN A 273 -10.71 -28.72 41.97
N ARG A 274 -10.50 -28.57 40.69
CA ARG A 274 -9.28 -28.06 40.10
C ARG A 274 -9.18 -26.54 40.30
N LEU A 275 -7.93 -26.03 40.35
CA LEU A 275 -7.62 -24.61 40.45
C LEU A 275 -8.03 -23.97 39.10
N GLY A 276 -8.80 -22.89 39.17
CA GLY A 276 -9.34 -22.19 38.00
C GLY A 276 -10.82 -22.47 37.75
N ALA A 277 -11.37 -23.52 38.39
CA ALA A 277 -12.78 -23.92 38.30
C ALA A 277 -13.67 -23.29 39.38
N GLY A 278 -13.08 -22.67 40.39
CA GLY A 278 -13.81 -22.06 41.49
C GLY A 278 -14.54 -20.75 41.21
N PRO A 279 -14.85 -19.98 42.30
CA PRO A 279 -15.59 -18.72 42.13
C PRO A 279 -14.83 -17.60 41.41
N ASP A 280 -13.51 -17.41 41.68
CA ASP A 280 -12.81 -16.32 41.00
C ASP A 280 -12.05 -16.75 39.76
N GLY A 281 -12.13 -18.03 39.39
CA GLY A 281 -11.52 -18.56 38.18
C GLY A 281 -10.03 -18.35 38.06
N VAL A 282 -9.60 -17.55 37.06
CA VAL A 282 -8.16 -17.30 36.79
C VAL A 282 -7.49 -16.54 37.92
N GLU A 283 -8.27 -15.77 38.71
CA GLU A 283 -7.76 -15.04 39.87
C GLU A 283 -7.20 -15.97 40.93
N GLU A 284 -7.67 -17.22 40.98
CA GLU A 284 -7.15 -18.29 41.84
C GLU A 284 -5.74 -18.67 41.39
N ILE A 285 -5.51 -18.73 40.07
CA ILE A 285 -4.19 -19.03 39.47
C ILE A 285 -3.27 -17.82 39.70
N LYS A 286 -3.73 -16.61 39.31
CA LYS A 286 -2.95 -15.38 39.43
C LYS A 286 -2.49 -15.08 40.87
N ARG A 287 -3.40 -15.28 41.87
CA ARG A 287 -3.11 -15.04 43.30
C ARG A 287 -2.31 -16.17 43.98
N HIS A 288 -1.96 -17.25 43.25
CA HIS A 288 -1.19 -18.35 43.82
C HIS A 288 0.23 -17.81 44.11
N SER A 289 0.86 -18.31 45.21
CA SER A 289 2.19 -17.93 45.67
C SER A 289 3.27 -18.16 44.62
N PHE A 290 3.05 -19.10 43.69
CA PHE A 290 3.98 -19.40 42.59
C PHE A 290 4.20 -18.15 41.71
N PHE A 291 3.17 -17.31 41.58
CA PHE A 291 3.14 -16.13 40.72
C PHE A 291 3.26 -14.83 41.47
N SER A 292 3.55 -14.88 42.79
CA SER A 292 3.68 -13.71 43.67
C SER A 292 4.67 -12.64 43.19
N THR A 293 5.69 -13.02 42.41
CA THR A 293 6.68 -12.06 41.87
C THR A 293 6.25 -11.38 40.58
N ILE A 294 5.10 -11.80 40.00
CA ILE A 294 4.55 -11.28 38.76
C ILE A 294 3.66 -10.05 39.00
N ASP A 295 3.83 -9.04 38.14
CA ASP A 295 3.06 -7.81 38.08
C ASP A 295 2.20 -8.02 36.83
N TRP A 296 0.96 -8.48 37.02
CA TRP A 296 0.04 -8.86 35.96
C TRP A 296 -0.32 -7.75 34.99
N ASN A 297 -0.08 -6.48 35.40
CA ASN A 297 -0.31 -5.28 34.61
C ASN A 297 0.85 -5.04 33.66
N LYS A 298 2.10 -5.12 34.19
CA LYS A 298 3.33 -4.97 33.43
C LYS A 298 3.51 -6.14 32.45
N LEU A 299 3.12 -7.39 32.85
CA LEU A 299 3.17 -8.60 32.02
C LEU A 299 2.22 -8.50 30.81
N TYR A 300 0.97 -8.00 31.04
CA TYR A 300 0.00 -7.80 29.95
C TYR A 300 0.53 -6.77 28.91
N ARG A 301 1.07 -5.64 29.36
CA ARG A 301 1.58 -4.57 28.51
C ARG A 301 2.94 -4.87 27.86
N ARG A 302 3.53 -6.02 28.19
CA ARG A 302 4.80 -6.56 27.66
C ARG A 302 6.01 -5.75 28.14
N GLU A 303 5.90 -5.22 29.39
CA GLU A 303 6.93 -4.44 30.10
C GLU A 303 7.93 -5.36 30.86
N ILE A 304 7.62 -6.63 30.99
CA ILE A 304 8.52 -7.54 31.66
C ILE A 304 9.45 -8.16 30.62
N HIS A 305 10.78 -8.05 30.85
CA HIS A 305 11.82 -8.58 29.99
C HIS A 305 11.76 -10.12 29.88
N PRO A 306 11.60 -10.67 28.65
CA PRO A 306 11.49 -12.14 28.49
C PRO A 306 12.79 -12.92 28.75
N PRO A 307 12.71 -14.25 29.02
CA PRO A 307 13.94 -15.04 29.24
C PRO A 307 14.81 -15.21 27.99
N PHE A 308 14.21 -15.25 26.79
CA PHE A 308 14.93 -15.41 25.53
C PHE A 308 14.72 -14.23 24.61
N LYS A 309 15.81 -13.74 23.98
CA LYS A 309 15.75 -12.62 23.03
C LYS A 309 16.29 -13.07 21.66
N PRO A 310 15.38 -13.37 20.69
CA PRO A 310 15.83 -13.86 19.35
C PRO A 310 16.80 -12.95 18.57
N ALA A 311 17.46 -13.54 17.54
CA ALA A 311 18.46 -12.91 16.66
C ALA A 311 17.97 -11.62 15.98
N THR A 318 31.27 -4.40 16.99
CA THR A 318 31.39 -5.14 18.26
C THR A 318 32.85 -5.45 18.68
N PHE A 319 33.77 -5.71 17.71
CA PHE A 319 35.16 -6.02 18.02
C PHE A 319 36.09 -4.81 17.91
N TYR A 320 35.88 -3.98 16.90
CA TYR A 320 36.73 -2.81 16.68
C TYR A 320 36.89 -1.92 17.94
N PHE A 321 38.11 -1.34 18.11
CA PHE A 321 38.44 -0.43 19.20
C PHE A 321 39.50 0.56 18.76
N ASP A 322 39.35 1.80 19.20
CA ASP A 322 40.22 2.93 18.91
C ASP A 322 40.25 3.86 20.14
N PRO A 323 41.40 4.50 20.47
CA PRO A 323 41.39 5.43 21.62
C PRO A 323 40.93 6.85 21.26
N LYS B 26 14.69 3.63 -4.10
CA LYS B 26 13.94 2.40 -3.86
C LYS B 26 13.08 1.97 -5.05
N ALA B 27 12.60 2.94 -5.86
CA ALA B 27 11.79 2.65 -7.04
C ALA B 27 12.69 2.16 -8.18
N ASP B 28 12.22 1.14 -8.92
CA ASP B 28 12.94 0.50 -10.04
C ASP B 28 11.95 -0.05 -11.08
N PRO B 29 12.41 -0.43 -12.30
CA PRO B 29 11.44 -0.86 -13.35
C PRO B 29 10.59 -2.11 -13.06
N SER B 30 11.12 -3.01 -12.21
CA SER B 30 10.51 -4.27 -11.80
C SER B 30 9.28 -4.12 -10.90
N GLN B 31 8.92 -2.86 -10.56
CA GLN B 31 7.78 -2.50 -9.72
C GLN B 31 6.60 -1.98 -10.54
N PHE B 32 6.72 -2.11 -11.89
CA PHE B 32 5.73 -1.66 -12.88
C PHE B 32 5.55 -2.72 -13.96
N GLU B 33 4.31 -3.21 -14.17
CA GLU B 33 3.92 -4.17 -15.20
C GLU B 33 3.63 -3.40 -16.51
N LEU B 34 4.30 -3.78 -17.60
CA LEU B 34 4.15 -3.16 -18.93
C LEU B 34 2.91 -3.74 -19.61
N LEU B 35 1.91 -2.88 -19.89
CA LEU B 35 0.65 -3.31 -20.51
C LEU B 35 0.69 -3.21 -22.04
N LYS B 36 0.93 -2.01 -22.55
CA LYS B 36 1.07 -1.71 -23.97
C LYS B 36 2.00 -0.50 -24.11
N VAL B 37 2.55 -0.30 -25.31
CA VAL B 37 3.42 0.81 -25.68
C VAL B 37 2.48 1.87 -26.24
N LEU B 38 2.47 3.08 -25.64
CA LEU B 38 1.63 4.21 -26.06
C LEU B 38 2.17 4.95 -27.30
N GLY B 39 3.48 5.13 -27.36
CA GLY B 39 4.16 5.84 -28.43
C GLY B 39 5.67 5.81 -28.35
N GLN B 40 6.33 6.41 -29.35
CA GLN B 40 7.78 6.42 -29.51
C GLN B 40 8.15 7.56 -30.43
N GLY B 41 9.29 8.18 -30.14
CA GLY B 41 9.85 9.29 -30.89
C GLY B 41 11.17 9.77 -30.33
N SER B 42 11.57 11.01 -30.71
CA SER B 42 12.81 11.72 -30.34
C SER B 42 13.13 11.69 -28.84
N PHE B 43 12.09 11.69 -28.00
CA PHE B 43 12.19 11.59 -26.54
C PHE B 43 12.76 10.18 -26.20
N GLY B 44 11.94 9.16 -26.42
CA GLY B 44 12.25 7.77 -26.19
C GLY B 44 11.01 6.97 -26.48
N LYS B 45 10.69 6.04 -25.59
CA LYS B 45 9.51 5.17 -25.71
C LYS B 45 8.63 5.36 -24.49
N VAL B 46 7.32 5.49 -24.70
CA VAL B 46 6.32 5.66 -23.65
C VAL B 46 5.42 4.43 -23.58
N PHE B 47 5.32 3.84 -22.40
CA PHE B 47 4.52 2.66 -22.13
C PHE B 47 3.38 3.01 -21.20
N LEU B 48 2.30 2.23 -21.27
CA LEU B 48 1.22 2.28 -20.30
C LEU B 48 1.60 1.18 -19.29
N VAL B 49 1.94 1.59 -18.07
CA VAL B 49 2.34 0.65 -17.00
C VAL B 49 1.28 0.60 -15.89
N LYS B 50 1.39 -0.44 -15.05
CA LYS B 50 0.53 -0.68 -13.90
C LYS B 50 1.48 -0.90 -12.72
N LYS B 51 1.35 -0.07 -11.64
CA LYS B 51 2.17 -0.23 -10.44
C LYS B 51 1.76 -1.55 -9.76
N ILE B 52 2.74 -2.43 -9.53
CA ILE B 52 2.59 -3.76 -8.96
C ILE B 52 2.58 -3.70 -7.43
N SER B 53 3.48 -2.88 -6.86
CA SER B 53 3.68 -2.78 -5.42
C SER B 53 3.23 -1.48 -4.76
N GLY B 54 3.22 -1.49 -3.42
CA GLY B 54 2.95 -0.36 -2.56
C GLY B 54 1.55 0.19 -2.40
N SER B 55 1.48 1.37 -1.76
CA SER B 55 0.27 2.16 -1.45
C SER B 55 -0.61 2.43 -2.69
N ASP B 56 0.04 2.55 -3.86
CA ASP B 56 -0.58 2.83 -5.15
C ASP B 56 -0.51 1.62 -6.09
N ALA B 57 -0.77 0.41 -5.56
CA ALA B 57 -0.79 -0.81 -6.36
C ALA B 57 -2.05 -0.84 -7.21
N ARG B 58 -1.95 -1.42 -8.41
CA ARG B 58 -2.99 -1.53 -9.44
C ARG B 58 -3.25 -0.21 -10.17
N GLN B 59 -2.50 0.86 -9.82
CA GLN B 59 -2.62 2.17 -10.40
C GLN B 59 -1.88 2.24 -11.75
N LEU B 60 -2.55 2.79 -12.77
CA LEU B 60 -2.01 2.99 -14.12
C LEU B 60 -1.24 4.31 -14.27
N TYR B 61 -0.16 4.29 -15.06
CA TYR B 61 0.76 5.41 -15.32
C TYR B 61 1.38 5.33 -16.73
N ALA B 62 1.95 6.44 -17.18
CA ALA B 62 2.74 6.48 -18.42
C ALA B 62 4.21 6.39 -17.98
N MET B 63 5.00 5.47 -18.56
CA MET B 63 6.42 5.31 -18.26
C MET B 63 7.19 5.80 -19.46
N LYS B 64 7.96 6.88 -19.31
CA LYS B 64 8.80 7.46 -20.37
C LYS B 64 10.20 6.93 -20.16
N VAL B 65 10.67 6.10 -21.08
CA VAL B 65 12.00 5.50 -21.04
C VAL B 65 12.91 6.16 -22.09
N LEU B 66 14.12 6.52 -21.67
CA LEU B 66 15.11 7.17 -22.51
C LEU B 66 16.42 6.38 -22.44
N LYS B 67 16.98 6.01 -23.61
CA LYS B 67 18.27 5.31 -23.67
C LYS B 67 19.40 6.34 -23.66
N LYS B 68 20.35 6.17 -22.72
CA LYS B 68 21.54 7.01 -22.48
C LYS B 68 22.52 7.08 -23.68
N ALA B 69 22.59 5.98 -24.48
CA ALA B 69 23.42 5.87 -25.69
C ALA B 69 22.98 6.88 -26.77
N THR B 70 21.67 7.15 -26.85
CA THR B 70 21.04 8.10 -27.77
C THR B 70 21.33 9.55 -27.31
N LEU B 71 21.43 9.78 -25.97
CA LEU B 71 21.66 11.10 -25.37
C LEU B 71 23.15 11.54 -25.43
N LYS B 72 23.38 12.79 -25.92
CA LYS B 72 24.68 13.45 -26.05
C LYS B 72 24.98 14.29 -24.80
N VAL B 73 26.26 14.70 -24.59
CA VAL B 73 26.71 15.51 -23.45
C VAL B 73 25.83 16.73 -23.19
N ARG B 74 25.29 17.33 -24.27
CA ARG B 74 24.39 18.48 -24.21
C ARG B 74 22.96 18.03 -23.86
N ASP B 75 22.50 16.88 -24.46
CA ASP B 75 21.18 16.26 -24.26
C ASP B 75 20.99 15.70 -22.82
N ARG B 76 22.09 15.30 -22.18
CA ARG B 76 22.13 14.77 -20.81
C ARG B 76 21.89 15.88 -19.78
N VAL B 77 22.05 17.17 -20.19
CA VAL B 77 21.85 18.36 -19.37
C VAL B 77 20.36 18.77 -19.46
N ARG B 78 19.78 18.70 -20.68
CA ARG B 78 18.38 19.02 -20.94
C ARG B 78 17.42 18.03 -20.25
N THR B 79 17.80 16.74 -20.19
CA THR B 79 17.02 15.66 -19.55
C THR B 79 17.09 15.79 -18.02
N LYS B 80 18.26 16.20 -17.48
CA LYS B 80 18.47 16.44 -16.05
C LYS B 80 17.59 17.62 -15.60
N MET B 81 17.67 18.76 -16.33
CA MET B 81 16.86 19.94 -16.09
C MET B 81 15.34 19.61 -16.18
N GLU B 82 14.95 18.75 -17.17
CA GLU B 82 13.56 18.30 -17.39
C GLU B 82 12.99 17.53 -16.19
N ARG B 83 13.82 16.72 -15.50
CA ARG B 83 13.44 16.00 -14.27
C ARG B 83 13.44 17.03 -13.11
N ASP B 84 14.47 17.91 -13.07
CA ASP B 84 14.64 18.99 -12.09
C ASP B 84 13.46 19.99 -12.12
N ILE B 85 12.76 20.09 -13.28
CA ILE B 85 11.60 20.96 -13.45
C ILE B 85 10.31 20.25 -12.93
N LEU B 86 10.03 19.02 -13.39
CA LEU B 86 8.84 18.28 -12.99
C LEU B 86 8.70 18.04 -11.46
N VAL B 87 9.85 18.03 -10.74
CA VAL B 87 9.96 17.86 -9.29
C VAL B 87 9.44 19.12 -8.58
N GLU B 88 9.79 20.31 -9.14
CA GLU B 88 9.39 21.66 -8.67
C GLU B 88 7.91 21.97 -9.01
N VAL B 89 7.45 21.50 -10.18
CA VAL B 89 6.09 21.72 -10.66
C VAL B 89 5.07 20.92 -9.83
N ASN B 90 4.02 21.59 -9.35
CA ASN B 90 2.90 21.01 -8.63
C ASN B 90 1.65 21.86 -8.89
N HIS B 91 0.90 21.50 -9.93
CA HIS B 91 -0.31 22.24 -10.34
C HIS B 91 -1.34 21.29 -10.94
N PRO B 92 -2.66 21.49 -10.71
CA PRO B 92 -3.66 20.57 -11.28
C PRO B 92 -3.74 20.51 -12.81
N PHE B 93 -3.15 21.51 -13.55
CA PHE B 93 -3.21 21.53 -15.01
C PHE B 93 -1.87 21.21 -15.66
N ILE B 94 -0.93 20.68 -14.87
CA ILE B 94 0.37 20.23 -15.37
C ILE B 94 0.57 18.80 -14.89
N VAL B 95 1.14 17.92 -15.77
CA VAL B 95 1.41 16.52 -15.43
C VAL B 95 2.28 16.39 -14.20
N LYS B 96 1.88 15.45 -13.34
CA LYS B 96 2.60 15.13 -12.14
C LYS B 96 3.67 14.05 -12.49
N LEU B 97 4.88 14.21 -11.96
CA LEU B 97 5.94 13.22 -12.04
C LEU B 97 5.83 12.46 -10.71
N HIS B 98 5.47 11.17 -10.77
CA HIS B 98 5.30 10.35 -9.58
C HIS B 98 6.62 9.75 -9.15
N TYR B 99 7.38 9.16 -10.10
CA TYR B 99 8.71 8.57 -9.87
C TYR B 99 9.66 8.86 -11.02
N ALA B 100 10.98 8.79 -10.74
CA ALA B 100 12.07 8.96 -11.67
C ALA B 100 13.23 8.11 -11.17
N PHE B 101 13.79 7.29 -12.05
CA PHE B 101 14.90 6.40 -11.69
C PHE B 101 15.77 6.07 -12.89
N GLN B 102 16.93 5.51 -12.65
CA GLN B 102 17.84 5.17 -13.71
C GLN B 102 18.49 3.80 -13.56
N THR B 103 19.04 3.31 -14.69
CA THR B 103 19.79 2.06 -14.78
C THR B 103 21.15 2.40 -15.45
N GLU B 104 21.89 1.37 -15.94
CA GLU B 104 23.18 1.57 -16.60
C GLU B 104 23.03 2.28 -17.96
N GLY B 105 21.93 1.99 -18.66
CA GLY B 105 21.67 2.57 -19.99
C GLY B 105 20.34 3.25 -20.22
N LYS B 106 19.44 3.28 -19.21
CA LYS B 106 18.10 3.89 -19.34
C LYS B 106 17.72 4.88 -18.22
N LEU B 107 16.89 5.89 -18.57
CA LEU B 107 16.34 6.89 -17.66
C LEU B 107 14.82 6.78 -17.70
N TYR B 108 14.19 6.66 -16.52
CA TYR B 108 12.75 6.47 -16.44
C TYR B 108 12.03 7.60 -15.75
N LEU B 109 10.86 7.97 -16.29
CA LEU B 109 9.97 8.95 -15.72
C LEU B 109 8.58 8.31 -15.64
N ILE B 110 7.98 8.22 -14.43
CA ILE B 110 6.63 7.69 -14.25
C ILE B 110 5.73 8.91 -14.08
N LEU B 111 4.85 9.14 -15.05
CA LEU B 111 3.96 10.28 -15.15
C LEU B 111 2.49 9.86 -15.18
N ASP B 112 1.59 10.84 -15.10
CA ASP B 112 0.15 10.61 -15.21
C ASP B 112 -0.23 9.93 -16.56
N PHE B 113 -1.23 9.02 -16.51
CA PHE B 113 -1.84 8.41 -17.69
C PHE B 113 -3.15 9.17 -17.93
N LEU B 114 -3.29 9.79 -19.12
CA LEU B 114 -4.43 10.63 -19.49
C LEU B 114 -5.31 9.94 -20.53
N ARG B 115 -6.50 9.49 -20.11
CA ARG B 115 -7.45 8.75 -20.98
C ARG B 115 -8.18 9.65 -21.97
N GLY B 116 -8.62 10.82 -21.49
CA GLY B 116 -9.39 11.82 -22.22
C GLY B 116 -9.03 12.17 -23.66
N GLY B 117 -7.75 12.05 -24.01
CA GLY B 117 -7.25 12.37 -25.34
C GLY B 117 -6.37 13.60 -25.35
N ASP B 118 -6.43 14.37 -26.45
CA ASP B 118 -5.65 15.61 -26.62
C ASP B 118 -6.45 16.69 -27.36
N LEU B 119 -6.02 17.97 -27.27
CA LEU B 119 -6.73 19.04 -27.98
C LEU B 119 -6.53 18.92 -29.49
N PHE B 120 -5.34 18.45 -29.95
CA PHE B 120 -5.03 18.25 -31.37
C PHE B 120 -6.08 17.37 -32.07
N THR B 121 -6.38 16.22 -31.45
CA THR B 121 -7.33 15.21 -31.91
C THR B 121 -8.77 15.75 -31.80
N ARG B 122 -9.07 16.54 -30.75
CA ARG B 122 -10.40 17.13 -30.55
C ARG B 122 -10.68 18.21 -31.60
N LEU B 123 -9.77 19.18 -31.73
CA LEU B 123 -9.87 20.28 -32.69
C LEU B 123 -9.87 19.82 -34.15
N SER B 124 -9.06 18.79 -34.52
CA SER B 124 -9.05 18.27 -35.90
C SER B 124 -10.39 17.57 -36.28
N LYS B 125 -11.18 17.16 -35.25
CA LYS B 125 -12.47 16.50 -35.32
C LYS B 125 -13.65 17.52 -35.39
N GLU B 126 -13.62 18.58 -34.55
CA GLU B 126 -14.67 19.61 -34.48
C GLU B 126 -14.45 20.73 -35.50
N VAL B 127 -13.25 20.79 -36.12
CA VAL B 127 -12.81 21.81 -37.09
C VAL B 127 -12.47 23.13 -36.35
N MET B 128 -13.44 23.63 -35.58
CA MET B 128 -13.29 24.84 -34.78
C MET B 128 -14.18 24.72 -33.54
N PHE B 129 -13.65 25.22 -32.41
CA PHE B 129 -14.35 25.26 -31.15
C PHE B 129 -15.15 26.55 -31.06
N THR B 130 -16.21 26.51 -30.27
CA THR B 130 -17.07 27.66 -29.99
C THR B 130 -16.34 28.53 -28.96
N GLU B 131 -16.70 29.81 -28.85
CA GLU B 131 -16.04 30.71 -27.90
C GLU B 131 -16.10 30.16 -26.49
N GLU B 132 -17.23 29.58 -26.08
CA GLU B 132 -17.40 29.00 -24.75
C GLU B 132 -16.42 27.86 -24.48
N ASP B 133 -16.19 26.97 -25.47
CA ASP B 133 -15.24 25.85 -25.33
C ASP B 133 -13.82 26.34 -25.16
N VAL B 134 -13.39 27.24 -26.05
CA VAL B 134 -12.07 27.87 -26.08
C VAL B 134 -11.74 28.63 -24.78
N LYS B 135 -12.69 29.41 -24.26
CA LYS B 135 -12.63 30.18 -23.01
C LYS B 135 -12.24 29.25 -21.84
N PHE B 136 -12.83 28.05 -21.76
CA PHE B 136 -12.55 27.06 -20.75
C PHE B 136 -11.09 26.56 -20.80
N TYR B 137 -10.64 26.07 -21.98
CA TYR B 137 -9.31 25.51 -22.22
C TYR B 137 -8.20 26.52 -22.00
N LEU B 138 -8.41 27.76 -22.46
CA LEU B 138 -7.48 28.87 -22.34
C LEU B 138 -7.38 29.34 -20.90
N ALA B 139 -8.50 29.37 -20.17
CA ALA B 139 -8.51 29.76 -18.76
C ALA B 139 -7.68 28.76 -17.95
N GLU B 140 -7.88 27.47 -18.20
CA GLU B 140 -7.12 26.40 -17.53
C GLU B 140 -5.63 26.49 -17.84
N LEU B 141 -5.29 26.74 -19.14
CA LEU B 141 -3.93 26.90 -19.62
C LEU B 141 -3.24 28.13 -19.03
N ALA B 142 -3.98 29.28 -18.92
CA ALA B 142 -3.47 30.52 -18.36
C ALA B 142 -2.94 30.29 -16.94
N LEU B 143 -3.68 29.54 -16.10
CA LEU B 143 -3.27 29.16 -14.74
C LEU B 143 -2.02 28.26 -14.73
N ALA B 144 -1.90 27.32 -15.68
CA ALA B 144 -0.77 26.40 -15.78
C ALA B 144 0.50 27.14 -16.21
N LEU B 145 0.36 28.09 -17.18
CA LEU B 145 1.47 28.90 -17.68
C LEU B 145 1.97 29.85 -16.60
N ASP B 146 1.07 30.45 -15.83
CA ASP B 146 1.48 31.38 -14.75
C ASP B 146 2.21 30.64 -13.66
N HIS B 147 1.76 29.44 -13.34
CA HIS B 147 2.46 28.63 -12.37
C HIS B 147 3.90 28.41 -12.81
N LEU B 148 4.12 28.01 -14.09
CA LEU B 148 5.43 27.79 -14.70
C LEU B 148 6.32 29.05 -14.62
N HIS B 149 5.76 30.22 -14.98
CA HIS B 149 6.44 31.53 -14.92
C HIS B 149 6.81 31.93 -13.50
N SER B 150 5.98 31.57 -12.47
CA SER B 150 6.31 31.86 -11.07
C SER B 150 7.56 31.06 -10.63
N LEU B 151 7.88 29.96 -11.35
CA LEU B 151 9.04 29.10 -11.06
C LEU B 151 10.23 29.37 -12.01
N GLY B 152 10.09 30.32 -12.91
CA GLY B 152 11.13 30.67 -13.87
C GLY B 152 11.21 29.71 -15.04
N ILE B 153 10.09 29.01 -15.33
CA ILE B 153 9.98 28.02 -16.40
C ILE B 153 9.18 28.63 -17.56
N ILE B 154 9.58 28.31 -18.80
CA ILE B 154 8.89 28.70 -20.04
C ILE B 154 8.44 27.43 -20.79
N TYR B 155 7.49 27.59 -21.74
CA TYR B 155 7.00 26.46 -22.50
C TYR B 155 7.39 26.64 -23.94
N ARG B 156 8.49 25.95 -24.33
CA ARG B 156 9.17 25.99 -25.63
C ARG B 156 8.30 25.61 -26.81
N ASP B 157 7.43 24.57 -26.71
CA ASP B 157 6.59 24.24 -27.86
C ASP B 157 5.12 24.09 -27.47
N LEU B 158 4.43 25.23 -27.30
CA LEU B 158 3.02 25.29 -26.91
C LEU B 158 2.14 25.13 -28.14
N LYS B 159 1.75 23.89 -28.42
CA LYS B 159 0.91 23.50 -29.53
C LYS B 159 -0.17 22.55 -28.97
N PRO B 160 -1.30 22.23 -29.68
CA PRO B 160 -2.33 21.34 -29.12
C PRO B 160 -1.94 19.86 -28.86
N GLU B 161 -0.83 19.36 -29.44
CA GLU B 161 -0.33 17.99 -29.26
C GLU B 161 0.09 17.77 -27.79
N ASN B 162 0.62 18.84 -27.18
CA ASN B 162 1.14 18.92 -25.81
C ASN B 162 0.09 19.21 -24.72
N ILE B 163 -1.17 19.41 -25.12
CA ILE B 163 -2.24 19.67 -24.15
C ILE B 163 -3.16 18.45 -24.16
N LEU B 164 -2.96 17.56 -23.17
CA LEU B 164 -3.75 16.35 -23.03
C LEU B 164 -4.99 16.62 -22.19
N LEU B 165 -5.99 15.73 -22.26
CA LEU B 165 -7.23 15.82 -21.47
C LEU B 165 -7.32 14.64 -20.53
N ASP B 166 -7.83 14.84 -19.34
CA ASP B 166 -8.00 13.77 -18.35
C ASP B 166 -9.38 13.14 -18.50
N GLU B 167 -9.69 12.11 -17.65
CA GLU B 167 -10.96 11.38 -17.64
C GLU B 167 -12.20 12.30 -17.52
N GLU B 168 -12.07 13.43 -16.79
CA GLU B 168 -13.17 14.35 -16.54
C GLU B 168 -13.33 15.44 -17.62
N GLY B 169 -12.28 15.65 -18.44
CA GLY B 169 -12.29 16.61 -19.53
C GLY B 169 -11.45 17.86 -19.34
N HIS B 170 -10.66 17.91 -18.25
CA HIS B 170 -9.77 19.03 -17.87
C HIS B 170 -8.41 18.85 -18.51
N ILE B 171 -7.72 19.96 -18.79
CA ILE B 171 -6.43 19.93 -19.47
C ILE B 171 -5.28 19.44 -18.58
N LYS B 172 -4.21 18.95 -19.19
CA LYS B 172 -2.98 18.57 -18.51
C LYS B 172 -1.88 18.91 -19.49
N LEU B 173 -1.09 19.93 -19.17
CA LEU B 173 0.04 20.35 -19.99
C LEU B 173 1.18 19.32 -19.84
N THR B 174 1.71 18.79 -20.97
CA THR B 174 2.80 17.79 -20.97
C THR B 174 4.14 18.42 -20.55
N ASP B 175 5.19 17.62 -20.44
CA ASP B 175 6.48 18.12 -19.97
C ASP B 175 7.47 18.38 -21.10
N PHE B 176 7.08 18.01 -22.31
CA PHE B 176 7.91 18.11 -23.50
C PHE B 176 8.51 19.49 -23.72
N GLY B 177 7.73 20.54 -23.55
CA GLY B 177 8.20 21.90 -23.72
C GLY B 177 8.75 22.63 -22.50
N LEU B 178 8.95 21.94 -21.38
CA LEU B 178 9.44 22.59 -20.16
C LEU B 178 10.93 22.92 -20.21
N SER B 179 11.27 24.20 -20.00
CA SER B 179 12.65 24.70 -20.00
C SER B 179 12.79 25.89 -19.05
N LYS B 180 13.90 25.99 -18.33
CA LYS B 180 14.18 27.08 -17.42
C LYS B 180 14.62 28.31 -18.28
N GLU B 181 13.86 29.42 -18.19
CA GLU B 181 14.11 30.66 -18.93
C GLU B 181 15.37 31.34 -18.40
N CYS B 193 14.80 24.28 -33.50
CA CYS B 193 13.84 23.19 -33.26
C CYS B 193 12.50 23.66 -32.65
N GLY B 194 11.40 23.10 -33.17
CA GLY B 194 10.05 23.42 -32.72
C GLY B 194 9.09 23.71 -33.87
N THR B 195 7.80 23.95 -33.53
CA THR B 195 6.80 24.26 -34.57
C THR B 195 6.77 25.77 -34.73
N VAL B 196 7.25 26.25 -35.88
CA VAL B 196 7.43 27.66 -36.20
C VAL B 196 6.13 28.47 -36.17
N GLU B 197 4.99 27.86 -36.50
CA GLU B 197 3.68 28.49 -36.51
C GLU B 197 3.25 29.06 -35.16
N TYR B 198 3.81 28.55 -34.05
CA TYR B 198 3.50 28.96 -32.68
C TYR B 198 4.55 29.86 -32.07
N MET B 199 5.71 30.02 -32.75
CA MET B 199 6.88 30.83 -32.36
C MET B 199 6.62 32.30 -32.44
N ALA B 200 7.03 33.02 -31.39
CA ALA B 200 6.93 34.48 -31.25
C ALA B 200 7.99 35.18 -32.15
N PRO B 201 7.88 36.50 -32.49
CA PRO B 201 8.93 37.14 -33.33
C PRO B 201 10.35 37.06 -32.74
N GLU B 202 10.49 37.35 -31.45
CA GLU B 202 11.79 37.26 -30.74
C GLU B 202 12.38 35.84 -30.76
N VAL B 203 11.56 34.79 -30.97
CA VAL B 203 12.02 33.39 -31.00
C VAL B 203 12.42 32.99 -32.45
N VAL B 204 11.64 33.41 -33.46
CA VAL B 204 11.96 33.24 -34.88
C VAL B 204 13.35 33.88 -35.18
N ASN B 205 13.58 35.08 -34.61
CA ASN B 205 14.79 35.90 -34.76
C ASN B 205 15.90 35.56 -33.77
N ARG B 206 15.80 34.39 -33.11
CA ARG B 206 16.79 33.84 -32.14
C ARG B 206 17.23 34.82 -31.02
N ARG B 207 16.38 35.78 -30.64
CA ARG B 207 16.68 36.82 -29.65
C ARG B 207 16.37 36.44 -28.21
N GLY B 208 15.77 35.29 -27.96
CA GLY B 208 15.47 34.84 -26.61
C GLY B 208 14.03 34.49 -26.29
N HIS B 209 13.84 33.39 -25.56
CA HIS B 209 12.53 32.90 -25.19
C HIS B 209 12.20 33.25 -23.74
N THR B 210 11.42 34.34 -23.53
CA THR B 210 10.99 34.73 -22.19
C THR B 210 9.53 34.29 -22.01
N GLN B 211 8.93 34.60 -20.84
CA GLN B 211 7.53 34.27 -20.54
C GLN B 211 6.55 34.97 -21.46
N SER B 212 6.94 36.09 -22.05
CA SER B 212 6.15 36.86 -23.00
C SER B 212 5.95 36.06 -24.29
N ALA B 213 6.98 35.26 -24.71
CA ALA B 213 6.91 34.40 -25.90
C ALA B 213 5.84 33.33 -25.73
N ASP B 214 5.57 32.89 -24.46
CA ASP B 214 4.51 31.94 -24.09
C ASP B 214 3.15 32.56 -24.28
N TRP B 215 2.99 33.88 -23.98
CA TRP B 215 1.68 34.53 -24.18
C TRP B 215 1.36 34.75 -25.70
N TRP B 216 2.37 34.81 -26.58
CA TRP B 216 2.18 34.86 -28.03
C TRP B 216 1.59 33.52 -28.50
N SER B 217 2.25 32.42 -28.13
CA SER B 217 1.86 31.04 -28.47
C SER B 217 0.45 30.70 -28.01
N PHE B 218 0.05 31.31 -26.87
CA PHE B 218 -1.24 31.20 -26.23
C PHE B 218 -2.28 31.86 -27.14
N GLY B 219 -1.94 33.00 -27.74
CA GLY B 219 -2.74 33.74 -28.72
C GLY B 219 -2.85 32.92 -29.99
N VAL B 220 -1.71 32.31 -30.45
CA VAL B 220 -1.68 31.44 -31.65
C VAL B 220 -2.68 30.28 -31.41
N LEU B 221 -2.63 29.68 -30.22
CA LEU B 221 -3.50 28.60 -29.83
C LEU B 221 -4.97 29.02 -29.81
N MET B 222 -5.27 30.17 -29.18
CA MET B 222 -6.59 30.80 -29.13
C MET B 222 -7.16 31.00 -30.54
N PHE B 223 -6.37 31.59 -31.44
CA PHE B 223 -6.73 31.86 -32.83
C PHE B 223 -7.03 30.57 -33.57
N GLU B 224 -6.18 29.54 -33.43
CA GLU B 224 -6.34 28.24 -34.08
C GLU B 224 -7.61 27.51 -33.60
N MET B 225 -7.92 27.54 -32.32
CA MET B 225 -9.09 26.86 -31.77
C MET B 225 -10.42 27.49 -32.27
N LEU B 226 -10.45 28.83 -32.43
CA LEU B 226 -11.61 29.65 -32.86
C LEU B 226 -11.86 29.73 -34.36
N THR B 227 -10.80 29.75 -35.18
CA THR B 227 -10.92 29.86 -36.64
C THR B 227 -10.73 28.50 -37.36
N GLY B 228 -9.96 27.62 -36.72
CA GLY B 228 -9.54 26.33 -37.24
C GLY B 228 -8.33 26.47 -38.14
N THR B 229 -7.70 27.65 -38.13
CA THR B 229 -6.54 27.95 -38.99
C THR B 229 -5.51 28.73 -38.19
N LEU B 230 -4.23 28.66 -38.58
CA LEU B 230 -3.12 29.35 -37.92
C LEU B 230 -3.06 30.85 -38.34
N PRO B 231 -2.77 31.80 -37.42
CA PRO B 231 -2.76 33.22 -37.82
C PRO B 231 -1.75 33.60 -38.89
N PHE B 232 -0.53 33.00 -38.81
CA PHE B 232 0.60 33.24 -39.72
C PHE B 232 0.93 31.95 -40.39
N GLN B 233 0.69 31.89 -41.69
CA GLN B 233 0.95 30.70 -42.48
C GLN B 233 1.30 31.08 -43.90
N GLY B 234 2.47 30.66 -44.34
CA GLY B 234 2.95 30.92 -45.69
C GLY B 234 2.93 29.71 -46.58
N LYS B 235 3.40 29.88 -47.83
CA LYS B 235 3.52 28.82 -48.83
C LYS B 235 4.52 27.73 -48.35
N ASP B 236 5.48 28.13 -47.47
CA ASP B 236 6.50 27.28 -46.84
C ASP B 236 6.93 27.85 -45.45
N ARG B 237 7.77 27.10 -44.68
CA ARG B 237 8.29 27.50 -43.36
C ARG B 237 8.95 28.89 -43.34
N LYS B 238 9.64 29.26 -44.43
CA LYS B 238 10.36 30.52 -44.53
C LYS B 238 9.42 31.69 -44.62
N GLU B 239 8.37 31.59 -45.47
CA GLU B 239 7.37 32.64 -45.59
C GLU B 239 6.60 32.82 -44.28
N THR B 240 6.25 31.74 -43.59
CA THR B 240 5.53 31.73 -42.32
C THR B 240 6.31 32.54 -41.28
N MET B 241 7.64 32.29 -41.23
CA MET B 241 8.53 32.94 -40.29
C MET B 241 8.66 34.43 -40.56
N THR B 242 8.70 34.83 -41.81
CA THR B 242 8.73 36.22 -42.32
C THR B 242 7.40 36.97 -41.99
N MET B 243 6.24 36.27 -42.00
CA MET B 243 4.95 36.85 -41.65
C MET B 243 4.78 37.03 -40.12
N ILE B 244 5.47 36.21 -39.33
CA ILE B 244 5.49 36.25 -37.85
C ILE B 244 6.25 37.49 -37.45
N LEU B 245 7.40 37.76 -38.13
CA LEU B 245 8.25 38.92 -37.89
C LEU B 245 7.50 40.20 -38.22
N LYS B 246 6.81 40.24 -39.38
CA LYS B 246 6.01 41.40 -39.74
C LYS B 246 4.84 41.58 -38.75
N ALA B 247 4.21 40.47 -38.35
CA ALA B 247 3.04 40.34 -37.48
C ALA B 247 1.79 41.04 -38.03
N LYS B 248 1.67 41.22 -39.37
CA LYS B 248 0.48 41.80 -39.99
C LYS B 248 -0.70 40.78 -39.92
N LEU B 249 -1.72 41.03 -39.08
CA LEU B 249 -2.78 40.05 -38.95
C LEU B 249 -4.16 40.55 -39.34
N GLY B 250 -4.71 39.88 -40.35
CA GLY B 250 -6.08 40.07 -40.83
C GLY B 250 -6.97 39.28 -39.89
N MET B 251 -7.69 40.00 -39.05
CA MET B 251 -8.57 39.42 -38.05
C MET B 251 -9.92 38.97 -38.66
N PRO B 252 -10.24 37.65 -38.67
CA PRO B 252 -11.55 37.21 -39.18
C PRO B 252 -12.65 37.81 -38.32
N GLN B 253 -13.70 38.34 -38.95
CA GLN B 253 -14.73 39.13 -38.30
C GLN B 253 -15.88 38.33 -37.70
N PHE B 254 -15.75 37.01 -37.60
CA PHE B 254 -16.74 36.18 -36.92
C PHE B 254 -16.29 36.04 -35.47
N LEU B 255 -15.09 36.56 -35.16
CA LEU B 255 -14.54 36.56 -33.82
C LEU B 255 -15.23 37.68 -33.07
N SER B 256 -15.73 37.39 -31.85
CA SER B 256 -16.40 38.38 -31.00
C SER B 256 -15.48 39.62 -30.74
N PRO B 257 -16.06 40.82 -30.43
CA PRO B 257 -15.18 41.99 -30.13
C PRO B 257 -14.14 41.73 -29.04
N GLU B 258 -14.52 40.95 -28.02
CA GLU B 258 -13.68 40.55 -26.88
C GLU B 258 -12.52 39.62 -27.29
N ALA B 259 -12.79 38.59 -28.14
CA ALA B 259 -11.76 37.66 -28.67
C ALA B 259 -10.74 38.39 -29.53
N GLN B 260 -11.21 39.34 -30.36
CA GLN B 260 -10.36 40.19 -31.21
C GLN B 260 -9.42 41.06 -30.37
N SER B 261 -9.92 41.65 -29.26
CA SER B 261 -9.15 42.51 -28.36
C SER B 261 -8.02 41.74 -27.69
N LEU B 262 -8.30 40.54 -27.19
CA LEU B 262 -7.28 39.73 -26.54
C LEU B 262 -6.17 39.34 -27.54
N LEU B 263 -6.55 38.88 -28.75
CA LEU B 263 -5.58 38.51 -29.81
C LEU B 263 -4.71 39.69 -30.21
N ARG B 264 -5.30 40.87 -30.46
CA ARG B 264 -4.53 42.08 -30.83
C ARG B 264 -3.50 42.45 -29.75
N MET B 265 -3.84 42.18 -28.49
CA MET B 265 -2.99 42.48 -27.35
C MET B 265 -1.95 41.42 -27.11
N LEU B 266 -2.23 40.16 -27.49
CA LEU B 266 -1.23 39.10 -27.38
C LEU B 266 -0.25 39.14 -28.56
N PHE B 267 -0.66 39.72 -29.72
CA PHE B 267 0.17 39.74 -30.92
C PHE B 267 0.98 40.99 -31.12
N LYS B 268 1.57 41.53 -30.06
CA LYS B 268 2.48 42.69 -30.18
C LYS B 268 3.89 42.14 -30.49
N ARG B 269 4.56 42.69 -31.52
CA ARG B 269 5.92 42.30 -31.93
C ARG B 269 6.94 42.53 -30.79
N ASN B 270 6.82 43.67 -30.04
CA ASN B 270 7.69 43.95 -28.90
C ASN B 270 7.17 43.09 -27.70
N PRO B 271 7.99 42.22 -27.09
CA PRO B 271 7.50 41.38 -25.98
C PRO B 271 7.12 42.15 -24.73
N ALA B 272 7.70 43.33 -24.52
CA ALA B 272 7.44 44.16 -23.37
C ALA B 272 6.08 44.90 -23.47
N ASN B 273 5.47 44.89 -24.66
CA ASN B 273 4.20 45.52 -24.98
C ASN B 273 3.03 44.52 -24.99
N ARG B 274 3.36 43.26 -24.91
CA ARG B 274 2.43 42.16 -24.95
C ARG B 274 1.64 42.06 -23.64
N LEU B 275 0.41 41.50 -23.71
CA LEU B 275 -0.45 41.25 -22.57
C LEU B 275 0.19 40.10 -21.77
N GLY B 276 0.35 40.29 -20.47
CA GLY B 276 1.01 39.35 -19.58
C GLY B 276 2.41 39.76 -19.17
N ALA B 277 3.02 40.72 -19.91
CA ALA B 277 4.36 41.29 -19.67
C ALA B 277 4.36 42.51 -18.75
N GLY B 278 3.20 43.09 -18.49
CA GLY B 278 3.07 44.28 -17.66
C GLY B 278 3.24 44.12 -16.16
N PRO B 279 2.70 45.09 -15.37
CA PRO B 279 2.84 45.02 -13.90
C PRO B 279 2.05 43.91 -13.23
N ASP B 280 0.80 43.65 -13.65
CA ASP B 280 -0.01 42.60 -13.00
C ASP B 280 0.10 41.21 -13.66
N GLY B 281 0.97 41.07 -14.67
CA GLY B 281 1.22 39.79 -15.34
C GLY B 281 0.01 39.03 -15.83
N VAL B 282 -0.26 37.86 -15.24
CA VAL B 282 -1.42 37.00 -15.62
C VAL B 282 -2.76 37.64 -15.27
N GLU B 283 -2.78 38.53 -14.24
CA GLU B 283 -3.99 39.26 -13.86
C GLU B 283 -4.53 40.15 -14.97
N GLU B 284 -3.64 40.60 -15.88
CA GLU B 284 -4.00 41.31 -17.09
C GLU B 284 -4.82 40.38 -18.00
N ILE B 285 -4.37 39.11 -18.18
CA ILE B 285 -5.08 38.10 -18.99
C ILE B 285 -6.40 37.74 -18.31
N LYS B 286 -6.36 37.39 -17.00
CA LYS B 286 -7.54 37.00 -16.24
C LYS B 286 -8.65 38.06 -16.24
N ARG B 287 -8.27 39.35 -16.02
CA ARG B 287 -9.21 40.50 -15.99
C ARG B 287 -9.70 40.96 -17.38
N HIS B 288 -9.19 40.37 -18.49
CA HIS B 288 -9.63 40.76 -19.85
C HIS B 288 -11.11 40.37 -19.98
N SER B 289 -11.88 41.17 -20.74
CA SER B 289 -13.31 40.99 -21.01
C SER B 289 -13.64 39.64 -21.64
N PHE B 290 -12.69 39.04 -22.36
CA PHE B 290 -12.85 37.73 -22.98
C PHE B 290 -13.14 36.65 -21.93
N PHE B 291 -12.58 36.80 -20.73
CA PHE B 291 -12.69 35.84 -19.63
C PHE B 291 -13.63 36.28 -18.53
N SER B 292 -14.39 37.38 -18.74
CA SER B 292 -15.34 37.94 -17.76
C SER B 292 -16.38 36.93 -17.21
N THR B 293 -16.72 35.87 -17.98
CA THR B 293 -17.69 34.86 -17.52
C THR B 293 -17.07 33.75 -16.69
N ILE B 294 -15.74 33.74 -16.55
CA ILE B 294 -14.96 32.75 -15.79
C ILE B 294 -14.85 33.12 -14.31
N ASP B 295 -15.02 32.12 -13.43
CA ASP B 295 -14.88 32.18 -11.98
C ASP B 295 -13.56 31.43 -11.75
N TRP B 296 -12.46 32.16 -11.64
CA TRP B 296 -11.11 31.62 -11.56
C TRP B 296 -10.87 30.72 -10.38
N ASN B 297 -11.75 30.80 -9.34
CA ASN B 297 -11.71 29.98 -8.12
C ASN B 297 -12.34 28.63 -8.38
N LYS B 298 -13.54 28.62 -9.00
CA LYS B 298 -14.26 27.40 -9.38
C LYS B 298 -13.50 26.63 -10.48
N LEU B 299 -12.86 27.35 -11.45
CA LEU B 299 -12.04 26.78 -12.52
C LEU B 299 -10.80 26.05 -11.98
N TYR B 300 -10.10 26.67 -11.01
CA TYR B 300 -8.94 26.04 -10.36
C TYR B 300 -9.33 24.73 -9.63
N ARG B 301 -10.41 24.76 -8.84
CA ARG B 301 -10.90 23.61 -8.07
C ARG B 301 -11.56 22.51 -8.92
N ARG B 302 -11.72 22.75 -10.23
CA ARG B 302 -12.30 21.86 -11.25
C ARG B 302 -13.81 21.68 -11.06
N GLU B 303 -14.48 22.77 -10.59
CA GLU B 303 -15.92 22.88 -10.37
C GLU B 303 -16.69 23.30 -11.65
N ILE B 304 -15.98 23.76 -12.67
CA ILE B 304 -16.61 24.14 -13.91
C ILE B 304 -16.67 22.93 -14.83
N HIS B 305 -17.88 22.62 -15.33
CA HIS B 305 -18.16 21.49 -16.23
C HIS B 305 -17.42 21.66 -17.58
N PRO B 306 -16.56 20.70 -17.97
CA PRO B 306 -15.79 20.83 -19.22
C PRO B 306 -16.63 20.67 -20.50
N PRO B 307 -16.13 21.15 -21.68
CA PRO B 307 -16.90 20.98 -22.93
C PRO B 307 -17.01 19.53 -23.40
N PHE B 308 -16.00 18.68 -23.12
CA PHE B 308 -15.99 17.28 -23.53
C PHE B 308 -15.91 16.35 -22.35
N LYS B 309 -16.70 15.26 -22.35
CA LYS B 309 -16.69 14.25 -21.30
C LYS B 309 -16.35 12.87 -21.90
N PRO B 310 -15.08 12.41 -21.75
CA PRO B 310 -14.66 11.11 -22.35
C PRO B 310 -15.46 9.86 -21.96
N THR B 318 -29.79 0.92 -20.47
CA THR B 318 -30.14 2.19 -21.14
C THR B 318 -31.40 2.12 -22.03
N PHE B 319 -31.69 0.95 -22.67
CA PHE B 319 -32.85 0.76 -23.55
C PHE B 319 -34.04 0.13 -22.84
N TYR B 320 -33.78 -0.84 -21.95
CA TYR B 320 -34.85 -1.52 -21.23
C TYR B 320 -35.87 -0.57 -20.56
N PHE B 321 -37.16 -0.95 -20.56
CA PHE B 321 -38.25 -0.23 -19.93
C PHE B 321 -39.35 -1.17 -19.50
N ASP B 322 -39.92 -0.89 -18.32
CA ASP B 322 -40.99 -1.67 -17.69
C ASP B 322 -41.91 -0.70 -16.92
N PRO B 323 -43.24 -0.93 -16.86
CA PRO B 323 -44.10 -0.01 -16.08
C PRO B 323 -44.18 -0.37 -14.58
C1 584 C . 4.18 -18.95 12.07
C2 584 C . 5.59 -20.78 12.09
C3 584 C . 6.72 -19.92 11.97
O1 584 C . 9.29 -22.39 11.79
O2 584 C . -1.69 -21.45 12.47
C11 584 C . 3.34 -25.41 9.60
C12 584 C . 2.70 -25.22 12.00
C13 584 C . 9.08 -19.71 11.24
C14 584 C . 1.68 -19.08 12.20
C15 584 C . 1.42 -20.04 11.22
C16 584 C . 0.26 -20.74 11.27
C17 584 C . -0.65 -20.60 12.29
C18 584 C . -0.39 -19.63 13.24
C19 584 C . 0.74 -18.86 13.20
N1 584 C . 5.18 -18.06 12.01
N2 584 C . 4.32 -20.29 12.11
C4 584 C . 6.42 -18.57 11.97
N3 584 C . 2.93 -18.42 12.14
N4 584 C . 5.78 -22.13 12.32
C5 584 C . 4.65 -23.06 12.28
C6 584 C . 4.63 -23.89 11.02
C7 584 C . 3.26 -24.49 10.79
C8 584 C . 7.11 -22.70 12.62
C9 584 C . 8.22 -21.86 12.04
N5 584 C . 7.99 -20.52 11.77
C10 584 C . 7.34 -22.86 14.13
F1 584 C . -0.06 -21.58 10.27
F2 584 C . -1.29 -19.45 14.24
C1 GOL D . -10.21 -33.88 43.70
O1 GOL D . -10.32 -34.22 45.08
C2 GOL D . -9.67 -35.04 42.91
O2 GOL D . -10.54 -36.15 43.10
C3 GOL D . -8.29 -35.39 43.42
O3 GOL D . -7.55 -36.14 42.46
C1 584 E . 0.06 10.03 -21.53
C2 584 E . -0.35 9.80 -23.78
C3 584 E . -1.58 9.14 -23.51
O1 584 E . -2.63 8.36 -26.83
O2 584 E . 5.69 13.09 -21.27
C11 584 E . 4.33 9.00 -26.85
C12 584 E . 4.09 11.44 -26.45
C13 584 E . -3.28 7.50 -24.31
C14 584 E . 2.06 11.19 -20.62
C15 584 E . 3.04 10.55 -21.39
C16 584 E . 4.25 11.17 -21.59
C17 584 E . 4.54 12.40 -21.05
C18 584 E . 3.56 13.01 -20.29
C19 584 E . 2.33 12.43 -20.06
N1 584 E . -1.10 9.46 -21.15
N2 584 E . 0.47 10.20 -22.79
C4 584 E . -1.89 9.04 -22.14
N3 584 E . 0.80 10.56 -20.53
N4 584 E . -0.05 10.16 -25.09
C5 584 E . 1.24 10.77 -25.41
C6 584 E . 2.14 9.82 -26.21
C7 584 E . 3.62 10.06 -26.03
C8 584 E . -1.02 9.97 -26.20
C9 584 E . -2.03 8.87 -25.90
N5 584 E . -2.27 8.54 -24.58
C10 584 E . -1.76 11.25 -26.55
F1 584 E . 5.18 10.57 -22.36
F2 584 E . 3.79 14.27 -19.85
C1 GOL F . 4.26 46.41 -30.03
O1 GOL F . 5.01 47.62 -30.07
C2 GOL F . 3.84 46.06 -31.41
O2 GOL F . 4.99 46.16 -32.26
C3 GOL F . 2.76 47.02 -31.90
O3 GOL F . 1.70 46.32 -32.55
#